data_7NLW
#
_entry.id   7NLW
#
_cell.length_a   174.350
_cell.length_b   174.350
_cell.length_c   72.785
_cell.angle_alpha   90.000
_cell.angle_beta   90.000
_cell.angle_gamma   120.000
#
_symmetry.space_group_name_H-M   'H 3 2'
#
loop_
_entity.id
_entity.type
_entity.pdbx_description
1 polymer 'Acetylglutamate kinase'
2 non-polymer 2-(5-methoxy-1~{H}-indol-3-yl)ethanenitrile
3 non-polymer 'SULFATE ION'
4 water water
#
_entity_poly.entity_id   1
_entity_poly.type   'polypeptide(L)'
_entity_poly.pdbx_seq_one_letter_code
;GSMVSRIEALPTHIKAQVLAEALPWLKQLHGKVVVVKYGGNAMTDDTLRRAFAADMAFLRNCGIHPVVVHGGGPQITAML
RRLGIEGDFKGGFRVTTPEVLDVARMVLFGQVGRELVNLINAHGPYAVGITGEDAQLFTAVRRSVTVDGVATDIGLVGDV
DQVNTAAMLDLVAAGRIPVVSTLAPDADGVVHNINADTAAAAVAEALGAEKLLMLTDIDGLYTRWPDRDSLVSEIDTGTL
AQLLPTLESGMVPKVEACLRAVIGGVPSAHIIDGRVTHCVLVELFTDAGTGTKVVRG
;
_entity_poly.pdbx_strand_id   A
#
# COMPACT_ATOMS: atom_id res chain seq x y z
N ILE A 7 -5.01 10.40 -28.81
CA ILE A 7 -4.91 8.93 -28.86
C ILE A 7 -5.82 8.37 -29.95
N GLU A 8 -6.37 9.25 -30.78
CA GLU A 8 -7.30 8.83 -31.83
C GLU A 8 -6.57 8.41 -33.10
N ALA A 9 -5.35 8.90 -33.33
CA ALA A 9 -4.59 8.60 -34.54
C ALA A 9 -3.94 7.21 -34.51
N LEU A 10 -4.30 6.34 -33.54
CA LEU A 10 -3.70 5.01 -33.48
C LEU A 10 -4.60 4.00 -34.15
N PRO A 11 -4.06 3.22 -35.09
CA PRO A 11 -4.90 2.31 -35.88
C PRO A 11 -5.70 1.38 -34.99
N THR A 12 -6.90 1.04 -35.47
CA THR A 12 -7.81 0.25 -34.64
C THR A 12 -7.32 -1.18 -34.46
N HIS A 13 -6.45 -1.67 -35.36
CA HIS A 13 -5.95 -3.03 -35.25
C HIS A 13 -4.86 -3.20 -34.18
N ILE A 14 -4.19 -2.12 -33.75
CA ILE A 14 -3.32 -2.19 -32.59
C ILE A 14 -4.04 -1.83 -31.28
N LYS A 15 -5.07 -0.98 -31.32
CA LYS A 15 -5.94 -0.85 -30.15
C LYS A 15 -6.42 -2.22 -29.71
N ALA A 16 -6.64 -3.12 -30.66
CA ALA A 16 -7.16 -4.45 -30.38
C ALA A 16 -6.11 -5.33 -29.72
N GLN A 17 -4.88 -5.30 -30.23
CA GLN A 17 -3.86 -6.23 -29.75
C GLN A 17 -3.48 -5.94 -28.31
N VAL A 18 -3.36 -4.66 -27.94
CA VAL A 18 -3.00 -4.35 -26.56
C VAL A 18 -4.11 -4.79 -25.61
N LEU A 19 -5.36 -4.70 -26.06
CA LEU A 19 -6.46 -5.25 -25.27
C LEU A 19 -6.34 -6.77 -25.16
N ALA A 20 -6.18 -7.45 -26.30
CA ALA A 20 -6.11 -8.91 -26.26
C ALA A 20 -4.93 -9.39 -25.39
N GLU A 21 -3.82 -8.65 -25.37
CA GLU A 21 -2.71 -9.09 -24.53
C GLU A 21 -2.98 -8.94 -23.04
N ALA A 22 -4.15 -8.44 -22.62
CA ALA A 22 -4.47 -8.48 -21.19
C ALA A 22 -5.07 -9.81 -20.75
N LEU A 23 -5.56 -10.63 -21.69
CA LEU A 23 -6.30 -11.85 -21.33
C LEU A 23 -5.57 -12.73 -20.32
N PRO A 24 -4.30 -13.10 -20.50
CA PRO A 24 -3.66 -13.99 -19.52
C PRO A 24 -3.58 -13.40 -18.13
N TRP A 25 -3.45 -12.07 -18.00
CA TRP A 25 -3.51 -11.54 -16.64
C TRP A 25 -4.93 -11.40 -16.14
N LEU A 26 -5.90 -11.09 -17.01
CA LEU A 26 -7.29 -11.10 -16.59
C LEU A 26 -7.69 -12.45 -15.99
N LYS A 27 -7.22 -13.54 -16.57
CA LYS A 27 -7.63 -14.89 -16.13
C LYS A 27 -6.91 -15.21 -14.86
N GLN A 28 -5.64 -14.90 -14.84
CA GLN A 28 -4.88 -15.09 -13.61
C GLN A 28 -5.50 -14.34 -12.42
N LEU A 29 -6.03 -13.15 -12.66
CA LEU A 29 -6.51 -12.32 -11.55
C LEU A 29 -8.00 -12.41 -11.30
N HIS A 30 -8.77 -13.03 -12.20
CA HIS A 30 -10.21 -13.09 -12.01
C HIS A 30 -10.57 -13.77 -10.69
N GLY A 31 -11.35 -13.06 -9.86
CA GLY A 31 -11.81 -13.59 -8.59
C GLY A 31 -10.80 -13.58 -7.46
N LYS A 32 -9.70 -12.84 -7.62
CA LYS A 32 -8.58 -12.86 -6.68
C LYS A 32 -8.47 -11.53 -5.95
N VAL A 33 -7.81 -11.59 -4.80
CA VAL A 33 -7.54 -10.41 -4.00
C VAL A 33 -6.20 -9.81 -4.44
N VAL A 34 -6.19 -8.49 -4.64
CA VAL A 34 -4.98 -7.71 -4.91
C VAL A 34 -4.96 -6.58 -3.91
N VAL A 35 -3.91 -6.54 -3.08
CA VAL A 35 -3.75 -5.47 -2.09
C VAL A 35 -2.84 -4.41 -2.70
N VAL A 36 -3.26 -3.16 -2.61
CA VAL A 36 -2.53 -2.05 -3.19
C VAL A 36 -2.22 -1.06 -2.08
N LYS A 37 -0.93 -0.82 -1.84
CA LYS A 37 -0.52 0.25 -0.95
C LYS A 37 -0.32 1.49 -1.80
N TYR A 38 -1.01 2.54 -1.42
CA TYR A 38 -1.11 3.77 -2.21
C TYR A 38 -0.49 4.89 -1.40
N GLY A 39 0.49 5.58 -2.00
CA GLY A 39 1.11 6.71 -1.33
C GLY A 39 1.99 7.46 -2.31
N GLY A 40 2.78 8.39 -1.78
CA GLY A 40 3.58 9.10 -2.76
C GLY A 40 2.76 10.01 -3.68
N ASN A 41 3.38 10.36 -4.83
CA ASN A 41 2.83 11.38 -5.71
C ASN A 41 1.59 10.90 -6.45
N ALA A 42 1.39 9.58 -6.57
CA ALA A 42 0.13 9.02 -7.04
C ALA A 42 -1.03 9.41 -6.14
N MET A 43 -0.74 10.12 -5.04
CA MET A 43 -1.73 10.48 -4.03
C MET A 43 -1.87 11.98 -3.88
N THR A 44 -0.90 12.75 -4.38
CA THR A 44 -0.95 14.20 -4.23
C THR A 44 -1.21 14.93 -5.54
N ASP A 45 -0.98 14.29 -6.69
CA ASP A 45 -1.28 14.94 -7.96
C ASP A 45 -2.68 14.53 -8.39
N ASP A 46 -3.49 15.51 -8.80
CA ASP A 46 -4.88 15.20 -9.10
C ASP A 46 -5.02 14.22 -10.26
N THR A 47 -4.18 14.36 -11.28
CA THR A 47 -4.31 13.48 -12.44
C THR A 47 -3.93 12.04 -12.11
N LEU A 48 -2.85 11.85 -11.34
CA LEU A 48 -2.46 10.50 -10.95
C LEU A 48 -3.48 9.90 -10.00
N ARG A 49 -3.97 10.67 -9.02
CA ARG A 49 -4.92 10.10 -8.07
C ARG A 49 -6.27 9.80 -8.73
N ARG A 50 -6.67 10.56 -9.74
CA ARG A 50 -7.90 10.21 -10.44
C ARG A 50 -7.75 8.89 -11.18
N ALA A 51 -6.62 8.73 -11.90
CA ALA A 51 -6.36 7.50 -12.63
C ALA A 51 -6.30 6.30 -11.69
N PHE A 52 -5.71 6.48 -10.50
CA PHE A 52 -5.67 5.39 -9.55
C PHE A 52 -7.08 4.97 -9.15
N ALA A 53 -7.93 5.95 -8.81
CA ALA A 53 -9.32 5.68 -8.53
C ALA A 53 -9.99 4.93 -9.67
N ALA A 54 -9.77 5.38 -10.90
CA ALA A 54 -10.36 4.74 -12.07
C ALA A 54 -9.83 3.32 -12.24
N ASP A 55 -8.53 3.12 -11.95
CA ASP A 55 -7.95 1.79 -12.03
C ASP A 55 -8.57 0.83 -11.01
N MET A 56 -8.87 1.32 -9.80
CA MET A 56 -9.56 0.47 -8.84
C MET A 56 -10.97 0.13 -9.30
N ALA A 57 -11.65 1.06 -9.97
CA ALA A 57 -12.96 0.74 -10.53
C ALA A 57 -12.83 -0.28 -11.68
N PHE A 58 -11.74 -0.20 -12.44
CA PHE A 58 -11.43 -1.14 -13.52
C PHE A 58 -11.42 -2.55 -12.97
N LEU A 59 -10.42 -2.83 -12.12
CA LEU A 59 -10.32 -4.09 -11.37
C LEU A 59 -11.68 -4.62 -10.93
N ARG A 60 -12.48 -3.76 -10.26
CA ARG A 60 -13.77 -4.20 -9.74
C ARG A 60 -14.74 -4.56 -10.85
N ASN A 61 -14.75 -3.82 -11.96
CA ASN A 61 -15.61 -4.16 -13.08
C ASN A 61 -15.01 -5.27 -13.99
N CYS A 62 -13.90 -5.88 -13.53
CA CYS A 62 -13.40 -7.12 -14.07
C CYS A 62 -13.67 -8.31 -13.15
N GLY A 63 -14.27 -8.09 -11.98
CA GLY A 63 -14.40 -9.18 -11.02
C GLY A 63 -13.09 -9.53 -10.34
N ILE A 64 -12.19 -8.55 -10.20
CA ILE A 64 -11.01 -8.68 -9.38
C ILE A 64 -11.32 -7.96 -8.09
N HIS A 65 -10.64 -8.31 -7.00
CA HIS A 65 -10.97 -7.78 -5.68
C HIS A 65 -9.87 -6.87 -5.10
N PRO A 66 -9.85 -5.60 -5.45
CA PRO A 66 -8.80 -4.72 -4.90
C PRO A 66 -9.04 -4.34 -3.45
N VAL A 67 -7.96 -4.27 -2.68
CA VAL A 67 -7.99 -3.78 -1.30
C VAL A 67 -6.94 -2.69 -1.17
N VAL A 68 -7.35 -1.51 -0.75
CA VAL A 68 -6.48 -0.34 -0.76
C VAL A 68 -6.04 -0.03 0.66
N VAL A 69 -4.73 0.09 0.85
CA VAL A 69 -4.12 0.51 2.10
C VAL A 69 -3.38 1.82 1.83
N HIS A 70 -3.64 2.85 2.63
CA HIS A 70 -3.04 4.16 2.39
C HIS A 70 -2.24 4.67 3.57
N GLY A 71 -1.15 5.39 3.27
CA GLY A 71 -0.39 6.18 4.23
C GLY A 71 -0.90 7.59 4.30
N GLY A 72 -0.01 8.52 4.67
CA GLY A 72 -0.37 9.90 4.90
C GLY A 72 0.59 10.68 5.78
N GLY A 73 1.85 10.26 5.80
CA GLY A 73 2.84 10.83 6.69
C GLY A 73 2.94 12.35 6.64
N PRO A 74 3.11 12.90 5.42
CA PRO A 74 3.24 14.37 5.32
C PRO A 74 2.01 15.11 5.80
N GLN A 75 0.80 14.61 5.49
CA GLN A 75 -0.42 15.26 5.96
C GLN A 75 -0.48 15.34 7.47
N ILE A 76 -0.05 14.28 8.17
CA ILE A 76 -0.07 14.31 9.64
C ILE A 76 0.84 15.40 10.16
N THR A 77 2.06 15.46 9.62
CA THR A 77 2.99 16.51 9.97
C THR A 77 2.34 17.88 9.83
N ALA A 78 1.74 18.15 8.67
CA ALA A 78 1.17 19.48 8.40
C ALA A 78 0.08 19.85 9.40
N MET A 79 -0.79 18.91 9.74
CA MET A 79 -1.87 19.17 10.69
C MET A 79 -1.34 19.42 12.09
N LEU A 80 -0.40 18.57 12.55
CA LEU A 80 0.29 18.82 13.82
C LEU A 80 0.88 20.22 13.86
N ARG A 81 1.46 20.66 12.74
CA ARG A 81 2.05 21.99 12.71
C ARG A 81 0.97 23.06 12.75
N ARG A 82 -0.14 22.83 12.02
CA ARG A 82 -1.23 23.81 12.09
C ARG A 82 -1.80 23.90 13.50
N LEU A 83 -1.80 22.81 14.24
CA LEU A 83 -2.31 22.77 15.60
C LEU A 83 -1.27 23.19 16.62
N GLY A 84 -0.04 23.47 16.18
CA GLY A 84 1.01 23.88 17.12
C GLY A 84 1.31 22.82 18.16
N ILE A 85 1.14 21.55 17.81
CA ILE A 85 1.57 20.46 18.68
C ILE A 85 3.08 20.21 18.51
N GLU A 86 3.84 20.40 19.60
CA GLU A 86 5.30 20.20 19.62
C GLU A 86 5.66 18.74 19.57
N GLY A 87 6.55 18.41 18.63
CA GLY A 87 7.04 17.06 18.52
C GLY A 87 8.17 16.72 19.49
N ASP A 88 8.17 15.47 19.93
CA ASP A 88 9.32 14.88 20.61
C ASP A 88 9.93 13.84 19.69
N PHE A 89 11.25 13.84 19.55
CA PHE A 89 11.92 13.03 18.55
C PHE A 89 13.02 12.20 19.20
N LYS A 90 12.95 10.89 18.98
CA LYS A 90 14.05 9.99 19.30
C LYS A 90 14.57 9.42 17.99
N GLY A 91 15.90 9.45 17.83
CA GLY A 91 16.45 9.27 16.49
C GLY A 91 15.79 10.27 15.56
N GLY A 92 15.16 9.78 14.50
CA GLY A 92 14.43 10.67 13.63
C GLY A 92 12.95 10.37 13.56
N PHE A 93 12.44 9.66 14.56
CA PHE A 93 11.03 9.30 14.64
C PHE A 93 10.31 10.24 15.61
N ARG A 94 9.05 10.55 15.34
CA ARG A 94 8.24 11.36 16.28
C ARG A 94 7.62 10.43 17.30
N VAL A 95 7.61 10.84 18.54
CA VAL A 95 6.96 10.07 19.59
C VAL A 95 5.45 10.25 19.45
N THR A 96 4.74 9.15 19.13
CA THR A 96 3.28 9.25 18.97
C THR A 96 2.66 9.23 20.37
N THR A 97 2.41 10.42 20.93
CA THR A 97 1.67 10.54 22.17
C THR A 97 0.20 10.28 21.93
N PRO A 98 -0.61 10.14 23.00
CA PRO A 98 -2.07 10.08 22.79
C PRO A 98 -2.58 11.21 21.94
N GLU A 99 -2.05 12.42 22.14
CA GLU A 99 -2.46 13.56 21.34
C GLU A 99 -2.09 13.39 19.87
N VAL A 100 -0.89 12.91 19.58
CA VAL A 100 -0.48 12.71 18.19
C VAL A 100 -1.29 11.58 17.55
N LEU A 101 -1.66 10.54 18.28
CA LEU A 101 -2.50 9.46 17.70
C LEU A 101 -3.82 10.05 17.24
N ASP A 102 -4.50 10.71 18.13
CA ASP A 102 -5.74 11.38 17.79
C ASP A 102 -5.64 12.15 16.48
N VAL A 103 -4.61 12.99 16.36
CA VAL A 103 -4.41 13.77 15.14
C VAL A 103 -4.18 12.85 13.96
N ALA A 104 -3.27 11.89 14.11
CA ALA A 104 -3.02 10.92 13.04
C ALA A 104 -4.31 10.23 12.60
N ARG A 105 -5.06 9.67 13.55
CA ARG A 105 -6.30 8.99 13.19
C ARG A 105 -7.24 9.93 12.44
N MET A 106 -7.41 11.13 12.99
CA MET A 106 -8.30 12.15 12.42
C MET A 106 -7.91 12.47 10.97
N VAL A 107 -6.60 12.59 10.69
CA VAL A 107 -6.12 12.94 9.34
C VAL A 107 -6.23 11.74 8.39
N LEU A 108 -5.70 10.57 8.79
CA LEU A 108 -5.73 9.39 7.91
C LEU A 108 -7.17 8.99 7.57
N PHE A 109 -8.01 8.78 8.58
CA PHE A 109 -9.35 8.25 8.35
C PHE A 109 -10.33 9.38 7.99
N GLY A 110 -10.21 10.54 8.62
CA GLY A 110 -11.17 11.60 8.36
C GLY A 110 -10.86 12.51 7.18
N GLN A 111 -9.65 12.44 6.62
CA GLN A 111 -9.27 13.33 5.52
C GLN A 111 -8.74 12.54 4.33
N VAL A 112 -7.61 11.87 4.50
CA VAL A 112 -6.92 11.24 3.38
C VAL A 112 -7.79 10.11 2.81
N GLY A 113 -8.36 9.26 3.70
CA GLY A 113 -9.18 8.16 3.24
C GLY A 113 -10.47 8.61 2.60
N ARG A 114 -11.00 9.76 3.03
CA ARG A 114 -12.23 10.29 2.46
C ARG A 114 -12.03 10.72 1.01
N GLU A 115 -10.87 11.32 0.71
CA GLU A 115 -10.59 11.74 -0.67
C GLU A 115 -10.63 10.54 -1.59
N LEU A 116 -9.95 9.47 -1.18
CA LEU A 116 -9.86 8.30 -2.04
C LEU A 116 -11.23 7.62 -2.18
N VAL A 117 -11.99 7.53 -1.09
CA VAL A 117 -13.33 6.94 -1.16
C VAL A 117 -14.18 7.69 -2.17
N ASN A 118 -14.18 9.03 -2.09
CA ASN A 118 -15.04 9.83 -2.94
C ASN A 118 -14.56 9.79 -4.39
N LEU A 119 -13.24 9.71 -4.60
CA LEU A 119 -12.71 9.58 -5.95
C LEU A 119 -13.13 8.27 -6.58
N ILE A 120 -12.90 7.14 -5.89
CA ILE A 120 -13.35 5.85 -6.40
C ILE A 120 -14.86 5.86 -6.59
N ASN A 121 -15.60 6.52 -5.69
CA ASN A 121 -17.05 6.40 -5.77
C ASN A 121 -17.67 7.30 -6.82
N ALA A 122 -16.86 8.06 -7.57
CA ALA A 122 -17.35 8.65 -8.81
C ALA A 122 -17.68 7.62 -9.87
N HIS A 123 -17.25 6.36 -9.71
CA HIS A 123 -17.47 5.30 -10.68
C HIS A 123 -18.54 4.31 -10.26
N GLY A 124 -19.07 4.43 -9.05
CA GLY A 124 -20.04 3.48 -8.55
C GLY A 124 -19.99 3.38 -7.04
N PRO A 125 -20.91 2.59 -6.46
CA PRO A 125 -20.98 2.49 -4.99
C PRO A 125 -19.97 1.51 -4.41
N TYR A 126 -18.69 1.73 -4.69
CA TYR A 126 -17.69 0.69 -4.48
C TYR A 126 -16.93 0.83 -3.17
N ALA A 127 -16.36 2.01 -2.91
CA ALA A 127 -15.34 2.18 -1.89
C ALA A 127 -15.96 2.36 -0.49
N VAL A 128 -15.27 1.79 0.49
CA VAL A 128 -15.72 1.77 1.88
C VAL A 128 -14.50 1.92 2.78
N GLY A 129 -14.52 2.95 3.64
CA GLY A 129 -13.38 3.21 4.54
C GLY A 129 -13.48 2.47 5.86
N ILE A 130 -12.33 1.99 6.35
CA ILE A 130 -12.29 1.20 7.59
C ILE A 130 -10.96 1.46 8.29
N THR A 131 -10.92 1.19 9.59
CA THR A 131 -9.69 0.96 10.31
C THR A 131 -9.79 -0.38 11.03
N GLY A 132 -8.71 -0.76 11.71
CA GLY A 132 -8.77 -1.90 12.60
C GLY A 132 -9.86 -1.81 13.64
N GLU A 133 -10.28 -0.58 14.00
CA GLU A 133 -11.31 -0.37 15.02
C GLU A 133 -12.68 -0.86 14.54
N ASP A 134 -12.98 -0.68 13.26
CA ASP A 134 -14.30 -1.01 12.73
C ASP A 134 -14.48 -2.53 12.70
N ALA A 135 -15.58 -3.00 13.30
CA ALA A 135 -15.90 -4.43 13.38
C ALA A 135 -14.68 -5.27 13.79
N GLN A 136 -13.75 -4.68 14.56
CA GLN A 136 -12.53 -5.37 15.01
C GLN A 136 -11.82 -6.07 13.85
N LEU A 137 -11.73 -5.37 12.72
CA LEU A 137 -11.22 -6.01 11.51
C LEU A 137 -9.77 -6.41 11.65
N PHE A 138 -8.97 -5.65 12.42
CA PHE A 138 -7.64 -6.14 12.77
C PHE A 138 -7.14 -5.43 14.02
N THR A 139 -6.18 -6.07 14.69
CA THR A 139 -5.60 -5.54 15.90
C THR A 139 -4.13 -5.21 15.69
N ALA A 140 -3.58 -4.46 16.65
CA ALA A 140 -2.20 -4.01 16.61
C ALA A 140 -1.47 -4.47 17.86
N VAL A 141 -0.16 -4.62 17.74
CA VAL A 141 0.73 -4.90 18.86
C VAL A 141 1.81 -3.80 18.88
N ARG A 142 2.05 -3.24 20.05
CA ARG A 142 2.99 -2.10 20.17
C ARG A 142 4.35 -2.46 19.64
N ARG A 143 4.76 -1.71 18.65
CA ARG A 143 6.07 -1.92 18.09
C ARG A 143 7.08 -1.00 18.76
N SER A 144 8.32 -1.44 18.76
CA SER A 144 9.43 -0.68 19.28
C SER A 144 10.40 -0.46 18.14
N VAL A 145 11.27 0.53 18.28
CA VAL A 145 12.23 0.82 17.23
C VAL A 145 13.61 0.83 17.85
N THR A 146 14.60 0.60 16.99
CA THR A 146 16.01 0.63 17.45
C THR A 146 16.67 1.86 16.89
N VAL A 147 17.16 2.73 17.76
CA VAL A 147 17.87 3.95 17.29
C VAL A 147 19.34 3.80 17.68
N ASP A 148 20.25 4.05 16.72
CA ASP A 148 21.70 3.98 16.98
C ASP A 148 22.00 2.77 17.87
N GLY A 149 21.39 1.62 17.57
CA GLY A 149 21.67 0.39 18.31
C GLY A 149 20.71 0.00 19.42
N VAL A 150 19.95 0.92 20.02
CA VAL A 150 19.17 0.47 21.19
C VAL A 150 17.69 0.51 20.86
N ALA A 151 16.96 -0.49 21.33
CA ALA A 151 15.52 -0.54 21.12
C ALA A 151 14.83 0.49 22.01
N THR A 152 13.98 1.31 21.41
CA THR A 152 13.42 2.47 22.10
C THR A 152 11.92 2.56 21.83
N ASP A 153 11.20 3.06 22.81
CA ASP A 153 9.76 3.29 22.68
C ASP A 153 9.52 4.65 22.04
N ILE A 154 8.62 4.69 21.06
CA ILE A 154 8.26 5.94 20.40
C ILE A 154 6.74 6.06 20.37
N GLY A 155 6.09 5.54 21.42
CA GLY A 155 4.68 5.79 21.63
C GLY A 155 3.73 4.77 21.04
N LEU A 156 2.55 5.23 20.64
CA LEU A 156 1.45 4.37 20.20
C LEU A 156 1.58 4.03 18.71
N VAL A 157 2.65 3.31 18.40
CA VAL A 157 2.95 2.85 17.05
C VAL A 157 3.09 1.34 17.13
N GLY A 158 2.47 0.64 16.20
CA GLY A 158 2.45 -0.81 16.28
C GLY A 158 2.56 -1.46 14.92
N ASP A 159 2.56 -2.80 14.95
CA ASP A 159 2.43 -3.66 13.78
C ASP A 159 1.07 -4.34 13.81
N VAL A 160 0.58 -4.72 12.62
CA VAL A 160 -0.65 -5.47 12.54
C VAL A 160 -0.47 -6.80 13.25
N ASP A 161 -1.37 -7.09 14.19
CA ASP A 161 -1.28 -8.32 14.98
C ASP A 161 -2.07 -9.42 14.29
N GLN A 162 -3.40 -9.37 14.38
CA GLN A 162 -4.20 -10.39 13.73
C GLN A 162 -5.38 -9.74 13.01
N VAL A 163 -5.83 -10.41 11.95
CA VAL A 163 -6.74 -9.83 10.96
C VAL A 163 -7.99 -10.69 10.89
N ASN A 164 -9.16 -10.06 10.98
CA ASN A 164 -10.40 -10.82 10.85
C ASN A 164 -10.53 -11.17 9.37
N THR A 165 -9.80 -12.21 8.97
CA THR A 165 -9.77 -12.62 7.57
C THR A 165 -11.18 -12.84 7.01
N ALA A 166 -12.03 -13.58 7.73
CA ALA A 166 -13.35 -13.91 7.19
C ALA A 166 -14.18 -12.64 6.94
N ALA A 167 -14.38 -11.81 7.98
CA ALA A 167 -15.20 -10.62 7.82
C ALA A 167 -14.66 -9.74 6.70
N MET A 168 -13.34 -9.63 6.60
CA MET A 168 -12.73 -8.84 5.54
C MET A 168 -13.10 -9.39 4.16
N LEU A 169 -13.02 -10.71 3.98
CA LEU A 169 -13.29 -11.31 2.67
C LEU A 169 -14.78 -11.26 2.31
N ASP A 170 -15.64 -11.09 3.28
CA ASP A 170 -17.05 -10.92 2.92
C ASP A 170 -17.24 -9.55 2.26
N LEU A 171 -16.50 -8.53 2.69
CA LEU A 171 -16.74 -7.16 2.18
C LEU A 171 -16.34 -7.13 0.72
N VAL A 172 -15.28 -7.83 0.43
CA VAL A 172 -14.80 -7.76 -0.97
C VAL A 172 -15.79 -8.55 -1.81
N ALA A 173 -16.45 -9.51 -1.21
CA ALA A 173 -17.37 -10.37 -1.98
C ALA A 173 -18.63 -9.59 -2.30
N ALA A 174 -18.99 -8.66 -1.44
CA ALA A 174 -20.16 -7.83 -1.73
C ALA A 174 -19.90 -6.85 -2.84
N GLY A 175 -18.70 -6.84 -3.39
CA GLY A 175 -18.39 -5.95 -4.53
C GLY A 175 -17.87 -4.64 -4.01
N ARG A 176 -17.32 -4.65 -2.81
CA ARG A 176 -16.87 -3.42 -2.16
C ARG A 176 -15.35 -3.34 -2.11
N ILE A 177 -14.82 -2.14 -2.17
CA ILE A 177 -13.39 -1.90 -2.15
C ILE A 177 -13.05 -1.30 -0.77
N PRO A 178 -12.42 -2.07 0.12
CA PRO A 178 -12.01 -1.49 1.41
C PRO A 178 -10.87 -0.52 1.21
N VAL A 179 -11.04 0.70 1.70
CA VAL A 179 -9.95 1.69 1.76
C VAL A 179 -9.50 1.72 3.22
N VAL A 180 -8.29 1.21 3.49
CA VAL A 180 -7.86 0.91 4.84
C VAL A 180 -6.95 2.01 5.37
N SER A 181 -7.42 2.73 6.40
CA SER A 181 -6.54 3.54 7.24
C SER A 181 -5.95 2.65 8.33
N THR A 182 -4.64 2.71 8.50
CA THR A 182 -3.90 1.70 9.26
C THR A 182 -3.81 2.10 10.73
N LEU A 183 -4.93 2.05 11.40
CA LEU A 183 -4.92 2.31 12.85
C LEU A 183 -5.72 1.16 13.45
N ALA A 184 -5.32 0.63 14.59
CA ALA A 184 -6.02 -0.55 15.10
C ALA A 184 -5.86 -0.62 16.62
N PRO A 185 -6.85 -1.19 17.32
CA PRO A 185 -6.70 -1.41 18.77
C PRO A 185 -5.60 -2.42 19.06
N ASP A 186 -4.96 -2.26 20.23
CA ASP A 186 -4.21 -3.36 20.80
C ASP A 186 -5.18 -4.24 21.58
N ALA A 187 -4.67 -5.23 22.33
CA ALA A 187 -5.57 -6.16 23.01
C ALA A 187 -6.32 -5.51 24.18
N ASP A 188 -5.92 -4.32 24.61
CA ASP A 188 -6.61 -3.58 25.65
C ASP A 188 -7.48 -2.46 25.08
N GLY A 189 -7.69 -2.43 23.77
CA GLY A 189 -8.49 -1.39 23.13
C GLY A 189 -7.75 -0.11 22.82
N VAL A 190 -6.45 -0.05 23.02
CA VAL A 190 -5.71 1.20 22.88
C VAL A 190 -5.26 1.34 21.43
N VAL A 191 -5.77 2.35 20.73
CA VAL A 191 -5.58 2.41 19.30
C VAL A 191 -4.13 2.80 18.99
N HIS A 192 -3.51 2.10 18.05
CA HIS A 192 -2.15 2.40 17.63
C HIS A 192 -2.14 2.81 16.16
N ASN A 193 -1.11 3.52 15.76
CA ASN A 193 -0.90 3.85 14.35
C ASN A 193 0.10 2.86 13.76
N ILE A 194 -0.21 2.31 12.59
CA ILE A 194 0.61 1.27 12.00
C ILE A 194 1.20 1.80 10.70
N ASN A 195 2.49 1.57 10.50
CA ASN A 195 3.12 1.92 9.24
C ASN A 195 2.36 1.29 8.08
N ALA A 196 2.05 2.10 7.06
CA ALA A 196 1.14 1.64 6.01
C ALA A 196 1.78 0.57 5.11
N ASP A 197 3.08 0.70 4.85
CA ASP A 197 3.77 -0.33 4.09
C ASP A 197 3.69 -1.68 4.80
N THR A 198 3.85 -1.69 6.12
CA THR A 198 3.80 -2.92 6.89
C THR A 198 2.40 -3.50 6.93
N ALA A 199 1.41 -2.68 7.25
CA ALA A 199 0.03 -3.12 7.27
C ALA A 199 -0.38 -3.75 5.94
N ALA A 200 0.06 -3.17 4.82
CA ALA A 200 -0.29 -3.68 3.51
C ALA A 200 0.20 -5.12 3.36
N ALA A 201 1.47 -5.35 3.68
CA ALA A 201 2.02 -6.70 3.65
C ALA A 201 1.20 -7.64 4.52
N ALA A 202 0.72 -7.16 5.67
CA ALA A 202 0.08 -8.06 6.63
C ALA A 202 -1.33 -8.42 6.19
N VAL A 203 -2.10 -7.45 5.66
CA VAL A 203 -3.42 -7.79 5.13
C VAL A 203 -3.27 -8.70 3.92
N ALA A 204 -2.31 -8.40 3.03
CA ALA A 204 -2.12 -9.22 1.85
C ALA A 204 -1.93 -10.68 2.23
N GLU A 205 -1.08 -10.94 3.23
CA GLU A 205 -0.85 -12.33 3.65
C GLU A 205 -2.09 -12.92 4.32
N ALA A 206 -2.75 -12.15 5.18
CA ALA A 206 -3.95 -12.63 5.85
C ALA A 206 -5.04 -12.99 4.84
N LEU A 207 -5.27 -12.14 3.84
CA LEU A 207 -6.35 -12.34 2.89
C LEU A 207 -6.00 -13.34 1.78
N GLY A 208 -4.78 -13.85 1.74
CA GLY A 208 -4.42 -14.74 0.65
C GLY A 208 -4.43 -14.02 -0.68
N ALA A 209 -3.98 -12.76 -0.71
CA ALA A 209 -3.94 -11.99 -1.94
C ALA A 209 -3.08 -12.68 -3.00
N GLU A 210 -3.45 -12.46 -4.27
CA GLU A 210 -2.65 -12.97 -5.38
C GLU A 210 -1.40 -12.14 -5.60
N LYS A 211 -1.51 -10.81 -5.46
CA LYS A 211 -0.41 -9.88 -5.63
C LYS A 211 -0.49 -8.78 -4.60
N LEU A 212 0.67 -8.23 -4.26
CA LEU A 212 0.76 -7.01 -3.50
C LEU A 212 1.38 -5.95 -4.38
N LEU A 213 0.67 -4.85 -4.61
CA LEU A 213 1.22 -3.75 -5.39
C LEU A 213 1.65 -2.64 -4.44
N MET A 214 2.88 -2.16 -4.62
CA MET A 214 3.49 -1.06 -3.85
C MET A 214 3.62 0.19 -4.73
N LEU A 215 2.81 1.21 -4.48
CA LEU A 215 3.01 2.45 -5.21
C LEU A 215 4.10 3.25 -4.51
N THR A 216 5.20 3.49 -5.22
CA THR A 216 6.36 4.17 -4.66
C THR A 216 6.84 5.22 -5.66
N ASP A 217 7.67 6.15 -5.18
CA ASP A 217 8.18 7.21 -6.05
C ASP A 217 9.57 6.85 -6.60
N ILE A 218 9.64 5.79 -7.43
CA ILE A 218 10.88 5.42 -8.14
C ILE A 218 10.53 4.52 -9.33
N ASP A 219 11.44 4.35 -10.26
CA ASP A 219 11.34 3.38 -11.35
C ASP A 219 11.23 1.95 -10.83
N GLY A 220 12.03 1.61 -9.84
CA GLY A 220 12.13 0.23 -9.38
C GLY A 220 13.39 0.06 -8.55
N LEU A 221 13.61 -1.17 -8.10
CA LEU A 221 14.68 -1.47 -7.16
C LEU A 221 16.02 -1.50 -7.88
N TYR A 222 16.95 -0.65 -7.45
CA TYR A 222 18.29 -0.60 -8.01
C TYR A 222 19.25 -1.38 -7.11
N THR A 223 20.03 -2.28 -7.72
CA THR A 223 21.04 -3.07 -7.01
C THR A 223 22.05 -2.18 -6.30
N ARG A 224 22.79 -1.44 -7.13
CA ARG A 224 23.82 -0.51 -6.64
C ARG A 224 23.48 0.90 -7.14
N TRP A 225 22.49 1.52 -6.52
CA TRP A 225 22.14 2.91 -6.83
C TRP A 225 23.38 3.78 -6.73
N PRO A 226 23.57 4.77 -7.63
CA PRO A 226 22.66 5.14 -8.73
C PRO A 226 23.11 4.69 -10.14
N ASP A 227 23.84 3.58 -10.28
CA ASP A 227 24.12 3.02 -11.59
C ASP A 227 22.81 2.72 -12.31
N ARG A 228 22.64 3.30 -13.51
CA ARG A 228 21.45 2.97 -14.30
C ARG A 228 21.43 1.49 -14.68
N ASP A 229 22.61 0.89 -14.84
CA ASP A 229 22.77 -0.52 -15.17
C ASP A 229 22.29 -1.44 -14.04
N SER A 230 21.89 -0.87 -12.89
CA SER A 230 21.57 -1.65 -11.70
C SER A 230 20.12 -2.06 -11.63
N LEU A 231 19.26 -1.45 -12.45
CA LEU A 231 17.83 -1.65 -12.28
C LEU A 231 17.46 -3.09 -12.64
N VAL A 232 16.43 -3.61 -11.98
CA VAL A 232 16.06 -5.02 -12.05
C VAL A 232 14.57 -5.16 -12.35
N SER A 233 14.21 -6.25 -13.05
CA SER A 233 12.83 -6.59 -13.31
C SER A 233 12.23 -7.51 -12.25
N GLU A 234 13.04 -8.40 -11.69
CA GLU A 234 12.55 -9.49 -10.87
C GLU A 234 13.68 -10.01 -9.99
N ILE A 235 13.33 -10.51 -8.81
CA ILE A 235 14.29 -10.89 -7.77
C ILE A 235 13.57 -11.76 -6.76
N ASP A 236 14.28 -12.73 -6.18
CA ASP A 236 13.64 -13.54 -5.15
C ASP A 236 13.95 -12.99 -3.75
N THR A 237 13.25 -13.56 -2.77
CA THR A 237 13.38 -13.13 -1.38
C THR A 237 14.78 -13.39 -0.84
N GLY A 238 15.34 -14.57 -1.09
CA GLY A 238 16.64 -14.90 -0.59
C GLY A 238 17.64 -13.81 -0.92
N THR A 239 17.90 -13.61 -2.21
CA THR A 239 18.88 -12.63 -2.65
C THR A 239 18.39 -11.19 -2.50
N LEU A 240 17.11 -10.97 -2.21
CA LEU A 240 16.68 -9.62 -1.86
C LEU A 240 17.06 -9.29 -0.41
N ALA A 241 16.66 -10.17 0.51
CA ALA A 241 17.00 -9.96 1.93
C ALA A 241 18.49 -9.73 2.12
N GLN A 242 19.33 -10.43 1.35
CA GLN A 242 20.77 -10.20 1.44
C GLN A 242 21.15 -8.80 1.00
N LEU A 243 20.26 -8.08 0.28
CA LEU A 243 20.54 -6.72 -0.15
C LEU A 243 19.98 -5.66 0.81
N LEU A 244 18.94 -6.01 1.58
CA LEU A 244 18.26 -5.06 2.48
C LEU A 244 19.18 -4.14 3.28
N PRO A 245 20.26 -4.60 3.91
CA PRO A 245 21.07 -3.69 4.74
C PRO A 245 21.73 -2.53 3.99
N THR A 246 21.66 -2.48 2.65
CA THR A 246 22.35 -1.43 1.89
C THR A 246 21.45 -0.26 1.50
N LEU A 247 20.15 -0.49 1.30
CA LEU A 247 19.30 0.47 0.60
C LEU A 247 19.10 1.76 1.40
N GLU A 248 18.72 2.81 0.67
CA GLU A 248 18.44 4.11 1.26
C GLU A 248 17.35 3.99 2.31
N SER A 249 17.34 4.94 3.25
CA SER A 249 16.43 4.86 4.39
C SER A 249 14.98 4.69 3.94
N GLY A 250 14.54 5.47 2.95
CA GLY A 250 13.15 5.41 2.52
C GLY A 250 12.76 4.09 1.89
N MET A 251 13.74 3.30 1.45
CA MET A 251 13.49 2.09 0.69
C MET A 251 13.19 0.88 1.57
N VAL A 252 13.78 0.84 2.75
CA VAL A 252 13.65 -0.28 3.68
C VAL A 252 12.18 -0.68 3.84
N PRO A 253 11.26 0.24 4.18
CA PRO A 253 9.88 -0.21 4.44
C PRO A 253 9.21 -0.87 3.26
N LYS A 254 9.38 -0.31 2.06
CA LYS A 254 8.78 -0.90 0.87
C LYS A 254 9.33 -2.31 0.61
N VAL A 255 10.60 -2.54 0.98
CA VAL A 255 11.27 -3.81 0.67
C VAL A 255 10.97 -4.84 1.75
N GLU A 256 10.94 -4.44 3.02
CA GLU A 256 10.63 -5.40 4.08
C GLU A 256 9.20 -5.90 3.97
N ALA A 257 8.29 -5.03 3.51
CA ALA A 257 6.93 -5.48 3.28
C ALA A 257 6.87 -6.50 2.15
N CYS A 258 7.61 -6.26 1.08
CA CYS A 258 7.67 -7.24 -0.01
C CYS A 258 8.19 -8.57 0.51
N LEU A 259 9.20 -8.55 1.38
CA LEU A 259 9.74 -9.77 1.95
C LEU A 259 8.73 -10.47 2.86
N ARG A 260 8.13 -9.72 3.80
CA ARG A 260 7.19 -10.33 4.72
C ARG A 260 5.99 -10.93 3.98
N ALA A 261 5.61 -10.32 2.86
CA ALA A 261 4.45 -10.78 2.10
C ALA A 261 4.76 -12.03 1.29
N VAL A 262 5.86 -12.01 0.53
CA VAL A 262 6.14 -13.14 -0.36
C VAL A 262 6.62 -14.34 0.45
N ILE A 263 7.38 -14.11 1.53
CA ILE A 263 7.66 -15.19 2.46
C ILE A 263 6.37 -15.67 3.11
N GLY A 264 5.44 -14.76 3.36
CA GLY A 264 4.15 -15.13 3.93
C GLY A 264 3.27 -15.93 2.99
N GLY A 265 3.68 -16.12 1.74
CA GLY A 265 2.92 -16.96 0.82
C GLY A 265 2.27 -16.22 -0.34
N VAL A 266 2.27 -14.89 -0.34
CA VAL A 266 1.74 -14.13 -1.48
C VAL A 266 2.59 -14.43 -2.72
N PRO A 267 2.00 -14.84 -3.84
CA PRO A 267 2.82 -15.23 -5.00
C PRO A 267 3.82 -14.18 -5.47
N SER A 268 3.40 -12.92 -5.63
CA SER A 268 4.39 -11.94 -6.03
C SER A 268 4.04 -10.57 -5.45
N ALA A 269 5.04 -9.88 -4.92
CA ALA A 269 4.92 -8.48 -4.53
C ALA A 269 5.65 -7.63 -5.56
N HIS A 270 5.13 -6.44 -5.81
CA HIS A 270 5.63 -5.59 -6.87
C HIS A 270 5.87 -4.19 -6.33
N ILE A 271 6.99 -3.61 -6.76
CA ILE A 271 7.31 -2.22 -6.49
C ILE A 271 7.23 -1.51 -7.82
N ILE A 272 6.23 -0.64 -7.98
CA ILE A 272 5.95 0.01 -9.25
C ILE A 272 5.96 1.52 -9.08
N ASP A 273 5.96 2.22 -10.21
CA ASP A 273 6.22 3.67 -10.28
C ASP A 273 4.92 4.45 -10.13
N GLY A 274 4.62 4.89 -8.91
CA GLY A 274 3.43 5.67 -8.66
C GLY A 274 3.34 6.97 -9.45
N ARG A 275 4.46 7.44 -10.03
CA ARG A 275 4.44 8.66 -10.83
C ARG A 275 3.92 8.42 -12.25
N VAL A 276 3.89 7.17 -12.72
CA VAL A 276 3.30 6.86 -14.02
C VAL A 276 1.79 6.84 -13.88
N THR A 277 1.11 7.59 -14.72
CA THR A 277 -0.34 7.55 -14.70
C THR A 277 -0.82 6.17 -15.16
N HIS A 278 -1.75 5.61 -14.39
CA HIS A 278 -2.31 4.27 -14.59
C HIS A 278 -1.28 3.18 -14.33
N CYS A 279 -0.33 3.41 -13.43
CA CYS A 279 0.68 2.39 -13.15
C CYS A 279 0.04 1.04 -12.82
N VAL A 280 -1.04 1.04 -12.04
CA VAL A 280 -1.67 -0.22 -11.66
C VAL A 280 -2.04 -1.01 -12.91
N LEU A 281 -2.64 -0.34 -13.90
CA LEU A 281 -2.99 -1.03 -15.14
C LEU A 281 -1.76 -1.58 -15.86
N VAL A 282 -0.68 -0.79 -15.95
CA VAL A 282 0.48 -1.24 -16.73
C VAL A 282 1.12 -2.43 -16.05
N GLU A 283 1.15 -2.44 -14.71
CA GLU A 283 1.82 -3.54 -14.02
C GLU A 283 1.01 -4.83 -14.08
N LEU A 284 -0.32 -4.73 -14.06
CA LEU A 284 -1.15 -5.91 -13.97
C LEU A 284 -1.46 -6.50 -15.33
N PHE A 285 -1.64 -5.64 -16.33
CA PHE A 285 -2.15 -6.11 -17.64
C PHE A 285 -1.20 -5.87 -18.82
N THR A 286 0.07 -5.60 -18.57
CA THR A 286 1.05 -5.44 -19.67
C THR A 286 2.38 -6.00 -19.20
N ASP A 287 3.29 -6.26 -20.13
CA ASP A 287 4.62 -6.83 -19.81
C ASP A 287 5.61 -5.69 -19.77
N ALA A 288 5.15 -4.51 -20.12
CA ALA A 288 6.02 -3.31 -20.17
C ALA A 288 6.15 -2.70 -18.80
N GLY A 289 6.22 -3.54 -17.79
CA GLY A 289 6.26 -2.99 -16.45
C GLY A 289 7.57 -2.36 -16.13
N THR A 290 7.50 -1.19 -15.54
CA THR A 290 8.73 -0.56 -15.06
C THR A 290 8.98 -1.09 -13.66
N GLY A 291 8.02 -1.80 -13.05
CA GLY A 291 8.28 -2.14 -11.67
C GLY A 291 9.37 -3.19 -11.54
N THR A 292 9.46 -3.75 -10.33
CA THR A 292 10.30 -4.89 -10.04
C THR A 292 9.48 -5.89 -9.22
N LYS A 293 9.41 -7.14 -9.69
CA LYS A 293 8.62 -8.20 -9.09
C LYS A 293 9.47 -8.96 -8.08
N VAL A 294 8.84 -9.43 -7.00
CA VAL A 294 9.52 -10.22 -5.97
C VAL A 294 8.82 -11.56 -5.78
N VAL A 295 9.59 -12.65 -5.84
CA VAL A 295 9.14 -14.03 -5.62
C VAL A 295 10.03 -14.66 -4.54
N ARG A 296 9.71 -15.88 -4.11
CA ARG A 296 10.71 -16.58 -3.29
C ARG A 296 11.88 -17.06 -4.12
#